data_2PQ8
#
_entry.id   2PQ8
#
_cell.length_a   46.060
_cell.length_b   64.172
_cell.length_c   93.383
_cell.angle_alpha   90.00
_cell.angle_beta   90.00
_cell.angle_gamma   90.00
#
_symmetry.space_group_name_H-M   'P 21 21 21'
#
loop_
_entity.id
_entity.type
_entity.pdbx_description
1 polymer 'Probable histone acetyltransferase MYST1'
2 non-polymer 'ZINC ION'
3 non-polymer 'COENZYME A'
4 non-polymer 'UNKNOWN ATOM OR ION'
5 water water
#
_entity_poly.entity_id   1
_entity_poly.type   'polypeptide(L)'
_entity_poly.pdbx_seq_one_letter_code
;GSTKVKYVDKIHIGNYEIDAWYFSPFPEDYGKQPKLWLCEYCLKYMKYEKSYRFHLGQCQWRQPPGKEIYRKSNISVHEV
DGKDHKIYCQNLCLLAKLFLDHRTLYFDVEPFVFYILTEVDRQGAHIVGYFSKEKESPDGNNVACILTLPPYQRRGYGKF
LIAFSYELSKLESTVGSPEKPLSDLGKLSYRSYWSWVLLENLRDFRGTLSIKDLSQMTSITQNDIISTLQSLNMVKYWKG
QHVICVTPKLVEEHLKSAQYKKPPITVDSVCLKWAPPK
;
_entity_poly.pdbx_strand_id   A
#
loop_
_chem_comp.id
_chem_comp.type
_chem_comp.name
_chem_comp.formula
COA non-polymer 'COENZYME A' 'C21 H36 N7 O16 P3 S'
UNX non-polymer 'UNKNOWN ATOM OR ION' ?
ZN non-polymer 'ZINC ION' 'Zn 2'
#
# COMPACT_ATOMS: atom_id res chain seq x y z
N LYS A 6 -0.07 17.97 -23.93
CA LYS A 6 -0.38 18.19 -22.48
C LYS A 6 -0.52 16.83 -21.80
N TYR A 7 0.14 16.68 -20.66
CA TYR A 7 -0.03 15.51 -19.82
C TYR A 7 -1.24 15.66 -18.90
N VAL A 8 -1.70 14.54 -18.37
CA VAL A 8 -2.73 14.57 -17.36
C VAL A 8 -2.11 15.28 -16.14
N ASP A 9 -2.79 16.30 -15.66
CA ASP A 9 -2.29 17.04 -14.48
C ASP A 9 -3.22 17.15 -13.33
N LYS A 10 -4.48 16.74 -13.48
CA LYS A 10 -5.46 16.82 -12.43
C LYS A 10 -6.46 15.72 -12.68
N ILE A 11 -6.83 15.04 -11.64
CA ILE A 11 -7.90 14.03 -11.67
C ILE A 11 -9.02 14.40 -10.73
N HIS A 12 -10.22 13.94 -11.04
CA HIS A 12 -11.34 14.02 -10.20
C HIS A 12 -11.73 12.56 -9.89
N ILE A 13 -11.79 12.17 -8.62
CA ILE A 13 -12.16 10.81 -8.26
C ILE A 13 -12.99 10.92 -6.99
N GLY A 14 -14.20 10.38 -7.02
CA GLY A 14 -15.07 10.53 -5.83
C GLY A 14 -15.36 12.00 -5.61
N ASN A 15 -15.22 12.44 -4.36
CA ASN A 15 -15.38 13.85 -3.97
C ASN A 15 -14.07 14.65 -3.95
N TYR A 16 -13.01 14.12 -4.58
CA TYR A 16 -11.71 14.75 -4.56
C TYR A 16 -11.20 15.15 -5.92
N GLU A 17 -10.49 16.23 -5.96
CA GLU A 17 -9.64 16.53 -7.08
C GLU A 17 -8.22 16.52 -6.57
N ILE A 18 -7.32 15.97 -7.36
CA ILE A 18 -5.95 15.75 -6.95
C ILE A 18 -5.03 16.13 -8.11
N ASP A 19 -4.00 16.91 -7.86
CA ASP A 19 -3.01 17.27 -8.83
C ASP A 19 -1.98 16.13 -9.04
N ALA A 20 -1.50 15.96 -10.25
CA ALA A 20 -0.49 14.97 -10.53
C ALA A 20 0.89 15.35 -10.01
N TRP A 21 1.67 14.31 -9.71
CA TRP A 21 3.09 14.47 -9.33
C TRP A 21 4.07 14.05 -10.43
N TYR A 22 3.59 13.20 -11.35
CA TYR A 22 4.40 12.63 -12.41
C TYR A 22 3.57 12.38 -13.65
N PHE A 23 4.29 12.26 -14.75
CA PHE A 23 3.73 11.73 -15.96
C PHE A 23 3.17 10.33 -15.77
N SER A 24 1.98 10.07 -16.30
CA SER A 24 1.46 8.74 -16.41
C SER A 24 0.99 8.53 -17.84
N PRO A 25 1.29 7.35 -18.41
CA PRO A 25 1.01 7.10 -19.83
C PRO A 25 -0.45 6.83 -20.22
N PHE A 26 -1.36 7.68 -19.79
CA PHE A 26 -2.71 7.65 -20.34
C PHE A 26 -2.59 7.98 -21.82
N PRO A 27 -3.44 7.40 -22.67
CA PRO A 27 -3.46 7.82 -24.08
C PRO A 27 -3.52 9.36 -24.26
N GLU A 28 -2.88 9.87 -25.30
CA GLU A 28 -2.62 11.29 -25.41
C GLU A 28 -3.86 12.16 -25.36
N ASP A 29 -4.98 11.71 -25.95
CA ASP A 29 -6.18 12.53 -25.96
C ASP A 29 -6.77 12.71 -24.56
N TYR A 30 -6.42 11.80 -23.64
CA TYR A 30 -6.87 11.96 -22.25
C TYR A 30 -6.11 13.10 -21.56
N GLY A 31 -4.85 13.30 -21.91
CA GLY A 31 -4.07 14.42 -21.32
C GLY A 31 -4.52 15.78 -21.78
N LYS A 32 -5.16 15.84 -22.95
CA LYS A 32 -5.48 17.10 -23.56
C LYS A 32 -6.50 17.90 -22.77
N GLN A 33 -7.41 17.23 -22.03
CA GLN A 33 -8.52 17.93 -21.36
C GLN A 33 -8.01 18.49 -20.03
N PRO A 34 -8.71 19.49 -19.46
CA PRO A 34 -8.25 20.05 -18.19
C PRO A 34 -8.13 19.02 -17.09
N LYS A 35 -9.07 18.08 -17.04
CA LYS A 35 -9.15 17.09 -15.95
C LYS A 35 -9.40 15.70 -16.52
N LEU A 36 -8.91 14.68 -15.85
CA LEU A 36 -9.21 13.32 -16.17
C LEU A 36 -10.31 12.90 -14.98
N TRP A 37 -11.36 12.22 -15.32
CA TRP A 37 -12.39 11.91 -14.39
C TRP A 37 -12.42 10.38 -14.20
N LEU A 38 -12.25 9.92 -12.96
CA LEU A 38 -12.15 8.52 -12.68
C LEU A 38 -13.33 8.03 -11.85
N CYS A 39 -13.94 6.90 -12.27
CA CYS A 39 -14.88 6.23 -11.41
C CYS A 39 -14.13 5.71 -10.18
N GLU A 40 -14.61 6.05 -8.99
CA GLU A 40 -13.90 5.67 -7.77
C GLU A 40 -13.97 4.21 -7.48
N TYR A 41 -14.86 3.47 -8.17
CA TYR A 41 -15.08 2.05 -7.85
C TYR A 41 -14.44 1.14 -8.89
N CYS A 42 -14.65 1.39 -10.20
CA CYS A 42 -14.06 0.56 -11.24
C CYS A 42 -12.82 1.15 -11.88
N LEU A 43 -12.54 2.40 -11.54
CA LEU A 43 -11.33 3.13 -11.95
C LEU A 43 -11.29 3.41 -13.44
N LYS A 44 -12.41 3.28 -14.15
CA LYS A 44 -12.49 3.77 -15.50
C LYS A 44 -12.12 5.24 -15.52
N TYR A 45 -11.33 5.62 -16.53
CA TYR A 45 -10.93 7.01 -16.72
C TYR A 45 -11.65 7.58 -17.92
N MET A 46 -12.12 8.80 -17.72
CA MET A 46 -13.01 9.50 -18.69
C MET A 46 -12.55 10.92 -18.94
N LYS A 47 -12.95 11.48 -20.09
CA LYS A 47 -12.42 12.73 -20.58
C LYS A 47 -13.26 13.93 -20.24
N TYR A 48 -14.53 13.74 -19.88
CA TYR A 48 -15.49 14.82 -19.75
C TYR A 48 -16.34 14.64 -18.55
N GLU A 49 -16.75 15.75 -17.94
CA GLU A 49 -17.68 15.68 -16.86
C GLU A 49 -19.00 14.98 -17.27
N LYS A 50 -19.42 15.22 -18.50
CA LYS A 50 -20.65 14.61 -19.01
C LYS A 50 -20.57 13.09 -19.13
N SER A 51 -19.44 12.58 -19.63
CA SER A 51 -19.26 11.15 -19.68
C SER A 51 -19.10 10.56 -18.30
N TYR A 52 -18.42 11.29 -17.41
CA TYR A 52 -18.31 10.88 -16.03
C TYR A 52 -19.65 10.74 -15.35
N ARG A 53 -20.49 11.75 -15.49
CA ARG A 53 -21.82 11.71 -14.84
C ARG A 53 -22.67 10.55 -15.38
N PHE A 54 -22.61 10.32 -16.69
CA PHE A 54 -23.34 9.22 -17.27
C PHE A 54 -22.86 7.91 -16.65
N HIS A 55 -21.53 7.74 -16.60
CA HIS A 55 -20.98 6.54 -16.02
C HIS A 55 -21.44 6.32 -14.57
N LEU A 56 -21.41 7.38 -13.78
CA LEU A 56 -21.75 7.27 -12.33
C LEU A 56 -23.16 6.76 -12.16
N GLY A 57 -24.05 7.17 -13.04
CA GLY A 57 -25.45 6.73 -12.97
C GLY A 57 -25.65 5.29 -13.38
N GLN A 58 -24.73 4.73 -14.17
CA GLN A 58 -24.84 3.42 -14.74
C GLN A 58 -23.95 2.35 -14.10
N CYS A 59 -22.78 2.74 -13.58
CA CYS A 59 -21.87 1.73 -13.05
C CYS A 59 -22.40 1.07 -11.81
N GLN A 60 -22.33 -0.26 -11.77
CA GLN A 60 -22.91 -1.02 -10.68
C GLN A 60 -21.93 -1.31 -9.57
N TRP A 61 -20.64 -1.02 -9.79
CA TRP A 61 -19.63 -1.33 -8.80
CA TRP A 61 -19.63 -1.34 -8.81
C TRP A 61 -19.69 -0.36 -7.62
N ARG A 62 -19.59 -0.90 -6.40
CA ARG A 62 -19.48 -0.11 -5.19
C ARG A 62 -18.33 -0.52 -4.28
N GLN A 63 -17.39 -1.28 -4.85
CA GLN A 63 -16.21 -1.73 -4.14
C GLN A 63 -15.26 -2.26 -5.19
N PRO A 64 -14.00 -2.52 -4.80
CA PRO A 64 -13.06 -3.14 -5.73
C PRO A 64 -13.53 -4.56 -6.12
N PRO A 65 -12.99 -5.08 -7.22
CA PRO A 65 -13.26 -6.46 -7.57
C PRO A 65 -12.42 -7.42 -6.68
N GLY A 66 -12.37 -8.70 -7.02
CA GLY A 66 -11.55 -9.63 -6.28
C GLY A 66 -12.18 -10.05 -4.97
N LYS A 67 -11.34 -10.50 -4.07
CA LYS A 67 -11.79 -11.16 -2.86
C LYS A 67 -11.60 -10.23 -1.69
N GLU A 68 -12.65 -10.00 -0.90
CA GLU A 68 -12.50 -9.23 0.35
C GLU A 68 -11.84 -10.12 1.38
N ILE A 69 -10.65 -9.77 1.86
CA ILE A 69 -9.88 -10.64 2.74
C ILE A 69 -9.62 -10.07 4.15
N TYR A 70 -10.10 -8.86 4.40
CA TYR A 70 -9.89 -8.24 5.70
C TYR A 70 -10.93 -7.19 5.88
N ARG A 71 -11.54 -7.12 7.05
CA ARG A 71 -12.42 -6.03 7.44
C ARG A 71 -12.30 -5.79 8.93
N LYS A 72 -11.94 -4.57 9.31
CA LYS A 72 -11.87 -4.16 10.72
C LYS A 72 -12.30 -2.72 10.80
N SER A 73 -13.23 -2.42 11.71
CA SER A 73 -13.83 -1.10 11.81
C SER A 73 -14.33 -0.69 10.41
N ASN A 74 -13.91 0.47 9.89
CA ASN A 74 -14.40 0.98 8.64
C ASN A 74 -13.42 0.74 7.51
N ILE A 75 -12.47 -0.17 7.68
CA ILE A 75 -11.54 -0.43 6.58
C ILE A 75 -11.56 -1.87 6.13
N SER A 76 -11.35 -2.07 4.84
CA SER A 76 -11.35 -3.40 4.23
CA SER A 76 -11.41 -3.38 4.21
C SER A 76 -10.27 -3.47 3.22
N VAL A 77 -9.80 -4.67 2.95
CA VAL A 77 -8.80 -4.95 1.96
C VAL A 77 -9.33 -5.99 0.96
N HIS A 78 -9.17 -5.73 -0.33
CA HIS A 78 -9.49 -6.66 -1.38
C HIS A 78 -8.22 -7.14 -2.03
N GLU A 79 -8.15 -8.44 -2.31
CA GLU A 79 -7.07 -9.05 -3.03
C GLU A 79 -7.49 -9.20 -4.46
N VAL A 80 -6.72 -8.57 -5.37
CA VAL A 80 -7.06 -8.53 -6.78
C VAL A 80 -5.90 -9.06 -7.63
N ASP A 81 -6.10 -10.24 -8.20
CA ASP A 81 -5.10 -10.88 -9.00
C ASP A 81 -5.14 -10.24 -10.36
N GLY A 82 -3.99 -9.76 -10.82
CA GLY A 82 -3.86 -9.15 -12.13
C GLY A 82 -4.34 -9.99 -13.30
N LYS A 83 -4.22 -11.32 -13.15
CA LYS A 83 -4.69 -12.22 -14.20
C LYS A 83 -6.19 -12.23 -14.31
N ASP A 84 -6.88 -12.05 -13.17
CA ASP A 84 -8.32 -12.21 -13.08
C ASP A 84 -9.04 -10.91 -13.37
N HIS A 85 -8.38 -9.76 -13.11
CA HIS A 85 -9.03 -8.46 -13.23
C HIS A 85 -8.12 -7.51 -13.96
N LYS A 86 -7.76 -7.85 -15.19
CA LYS A 86 -6.75 -7.11 -15.92
C LYS A 86 -7.06 -5.62 -16.08
N ILE A 87 -8.27 -5.30 -16.54
CA ILE A 87 -8.61 -3.92 -16.83
C ILE A 87 -8.55 -3.07 -15.57
N TYR A 88 -9.13 -3.58 -14.50
CA TYR A 88 -9.09 -2.86 -13.24
C TYR A 88 -7.63 -2.56 -12.82
N CYS A 89 -6.77 -3.54 -12.90
CA CYS A 89 -5.42 -3.39 -12.45
C CYS A 89 -4.62 -2.47 -13.38
N GLN A 90 -4.91 -2.51 -14.65
CA GLN A 90 -4.31 -1.54 -15.57
C GLN A 90 -4.77 -0.11 -15.23
N ASN A 91 -6.06 0.07 -14.98
CA ASN A 91 -6.58 1.38 -14.55
C ASN A 91 -5.89 1.86 -13.25
N LEU A 92 -5.71 0.94 -12.30
CA LEU A 92 -5.07 1.23 -11.03
C LEU A 92 -3.62 1.69 -11.26
N CYS A 93 -2.90 0.99 -12.11
CA CYS A 93 -1.53 1.36 -12.36
C CYS A 93 -1.39 2.72 -13.01
N LEU A 94 -2.29 3.06 -13.92
CA LEU A 94 -2.29 4.41 -14.55
C LEU A 94 -2.57 5.49 -13.53
N LEU A 95 -3.55 5.25 -12.66
CA LEU A 95 -3.77 6.16 -11.51
C LEU A 95 -2.52 6.27 -10.66
N ALA A 96 -1.91 5.15 -10.28
CA ALA A 96 -0.82 5.18 -9.35
C ALA A 96 0.40 5.87 -9.91
N LYS A 97 0.59 5.74 -11.21
CA LYS A 97 1.77 6.32 -11.86
C LYS A 97 1.77 7.85 -11.79
N LEU A 98 0.61 8.44 -11.58
CA LEU A 98 0.56 9.90 -11.34
C LEU A 98 1.28 10.30 -10.07
N PHE A 99 1.46 9.38 -9.13
CA PHE A 99 2.05 9.66 -7.83
C PHE A 99 3.31 8.86 -7.49
N LEU A 100 3.75 7.99 -8.40
CA LEU A 100 4.87 7.03 -8.20
CA LEU A 100 4.88 7.09 -8.16
C LEU A 100 5.69 7.00 -9.44
N ASP A 101 7.01 6.95 -9.31
CA ASP A 101 7.85 6.63 -10.45
C ASP A 101 8.40 5.24 -10.16
N HIS A 102 7.79 4.21 -10.77
CA HIS A 102 8.20 2.82 -10.56
C HIS A 102 8.00 2.06 -11.87
N ARG A 103 8.98 1.27 -12.27
CA ARG A 103 8.92 0.65 -13.60
C ARG A 103 7.78 -0.34 -13.76
N THR A 104 7.35 -0.97 -12.66
CA THR A 104 6.31 -2.01 -12.77
C THR A 104 4.96 -1.44 -13.24
N LEU A 105 4.80 -0.12 -13.10
CA LEU A 105 3.59 0.52 -13.49
C LEU A 105 3.41 0.54 -15.02
N TYR A 106 4.48 0.27 -15.74
CA TYR A 106 4.45 0.21 -17.22
C TYR A 106 4.38 -1.22 -17.73
N PHE A 107 4.39 -2.18 -16.81
CA PHE A 107 4.53 -3.62 -17.17
C PHE A 107 3.19 -4.33 -17.09
N ASP A 108 3.19 -5.56 -17.55
CA ASP A 108 2.03 -6.45 -17.42
C ASP A 108 1.57 -6.54 -15.99
N VAL A 109 0.24 -6.48 -15.80
CA VAL A 109 -0.35 -6.63 -14.51
C VAL A 109 -0.53 -8.08 -14.11
N GLU A 110 -0.46 -9.00 -15.09
CA GLU A 110 -0.77 -10.38 -14.80
CA GLU A 110 -0.76 -10.40 -14.84
C GLU A 110 0.16 -11.06 -13.80
N PRO A 111 1.47 -10.74 -13.83
CA PRO A 111 2.37 -11.33 -12.77
C PRO A 111 2.24 -10.77 -11.37
N PHE A 112 1.23 -9.93 -11.15
CA PHE A 112 1.14 -9.22 -9.85
C PHE A 112 -0.22 -9.45 -9.20
N VAL A 113 -0.23 -9.29 -7.87
CA VAL A 113 -1.47 -9.24 -7.08
C VAL A 113 -1.52 -7.85 -6.43
N PHE A 114 -2.73 -7.29 -6.33
CA PHE A 114 -2.96 -5.94 -5.86
C PHE A 114 -3.86 -6.03 -4.65
N TYR A 115 -3.44 -5.37 -3.57
CA TYR A 115 -4.17 -5.33 -2.28
C TYR A 115 -4.70 -3.91 -2.13
N ILE A 116 -6.00 -3.79 -2.30
CA ILE A 116 -6.70 -2.49 -2.37
C ILE A 116 -7.27 -2.19 -0.99
N LEU A 117 -6.92 -1.03 -0.41
CA LEU A 117 -7.40 -0.57 0.89
C LEU A 117 -8.54 0.38 0.66
N THR A 118 -9.68 0.16 1.31
CA THR A 118 -10.83 1.03 1.20
C THR A 118 -11.39 1.40 2.56
N GLU A 119 -11.95 2.60 2.62
CA GLU A 119 -12.86 3.01 3.71
C GLU A 119 -14.24 2.68 3.30
N VAL A 120 -15.00 2.04 4.19
CA VAL A 120 -16.34 1.59 3.93
C VAL A 120 -17.37 2.47 4.63
N ASP A 121 -18.38 2.84 3.86
CA ASP A 121 -19.57 3.50 4.40
C ASP A 121 -20.80 3.08 3.59
N ARG A 122 -21.97 3.68 3.91
CA ARG A 122 -23.20 3.30 3.28
C ARG A 122 -23.21 3.50 1.77
N GLN A 123 -22.31 4.35 1.27
CA GLN A 123 -22.23 4.61 -0.17
CA GLN A 123 -22.26 4.59 -0.17
C GLN A 123 -21.39 3.58 -0.92
N GLY A 124 -20.38 3.03 -0.26
CA GLY A 124 -19.50 2.09 -0.90
C GLY A 124 -18.21 1.93 -0.17
N ALA A 125 -17.28 1.22 -0.84
CA ALA A 125 -15.94 1.00 -0.35
C ALA A 125 -15.02 1.84 -1.24
N HIS A 126 -14.48 2.89 -0.62
CA HIS A 126 -13.72 3.98 -1.28
C HIS A 126 -12.24 3.77 -1.19
N ILE A 127 -11.58 3.69 -2.33
CA ILE A 127 -10.16 3.42 -2.37
C ILE A 127 -9.36 4.53 -1.68
N VAL A 128 -8.49 4.15 -0.77
CA VAL A 128 -7.60 5.08 -0.17
C VAL A 128 -6.15 4.85 -0.55
N GLY A 129 -5.81 3.61 -0.95
CA GLY A 129 -4.43 3.27 -1.28
C GLY A 129 -4.35 1.80 -1.61
N TYR A 130 -3.15 1.34 -1.86
CA TYR A 130 -2.96 -0.06 -2.26
C TYR A 130 -1.47 -0.40 -2.18
N PHE A 131 -1.18 -1.70 -2.23
CA PHE A 131 0.12 -2.12 -2.65
C PHE A 131 0.04 -3.25 -3.65
N SER A 132 1.05 -3.32 -4.51
CA SER A 132 1.16 -4.43 -5.44
C SER A 132 2.26 -5.35 -4.97
N LYS A 133 2.21 -6.57 -5.45
CA LYS A 133 3.18 -7.58 -5.07
C LYS A 133 3.39 -8.51 -6.25
N GLU A 134 4.65 -8.77 -6.58
CA GLU A 134 4.97 -9.73 -7.63
C GLU A 134 4.80 -11.15 -7.12
N LYS A 135 4.03 -11.95 -7.85
CA LYS A 135 3.88 -13.36 -7.51
C LYS A 135 5.25 -14.02 -7.62
N GLU A 136 5.62 -14.81 -6.64
CA GLU A 136 6.88 -15.54 -6.71
C GLU A 136 8.12 -14.64 -7.06
N SER A 137 8.23 -13.46 -6.45
CA SER A 137 9.36 -12.55 -6.69
C SER A 137 10.72 -13.25 -6.50
N PRO A 138 11.57 -13.26 -7.54
CA PRO A 138 12.92 -13.84 -7.36
C PRO A 138 13.83 -13.10 -6.40
N ASP A 139 13.57 -11.80 -6.19
CA ASP A 139 14.36 -11.01 -5.25
C ASP A 139 13.79 -10.99 -3.84
N GLY A 140 12.67 -11.71 -3.62
CA GLY A 140 11.98 -11.78 -2.30
C GLY A 140 11.37 -10.44 -1.92
N ASN A 141 10.83 -9.76 -2.92
CA ASN A 141 10.18 -8.48 -2.67
C ASN A 141 8.74 -8.76 -2.25
N ASN A 142 8.34 -8.31 -1.05
CA ASN A 142 6.95 -8.54 -0.61
C ASN A 142 6.00 -7.40 -0.90
N VAL A 143 6.55 -6.32 -1.46
CA VAL A 143 5.81 -5.18 -2.04
C VAL A 143 6.62 -4.73 -3.25
N ALA A 144 5.92 -4.39 -4.35
CA ALA A 144 6.51 -3.68 -5.48
C ALA A 144 6.25 -2.15 -5.34
N CYS A 145 4.99 -1.78 -5.43
CA CYS A 145 4.56 -0.41 -5.25
C CYS A 145 3.65 -0.31 -4.04
N ILE A 146 3.74 0.80 -3.31
CA ILE A 146 2.80 1.13 -2.26
C ILE A 146 2.37 2.61 -2.45
N LEU A 147 1.08 2.88 -2.26
CA LEU A 147 0.55 4.25 -2.40
C LEU A 147 -0.63 4.47 -1.49
N THR A 148 -0.61 5.61 -0.79
CA THR A 148 -1.80 6.22 -0.18
C THR A 148 -2.15 7.43 -1.05
N LEU A 149 -3.35 7.50 -1.58
CA LEU A 149 -3.75 8.66 -2.41
C LEU A 149 -3.59 9.93 -1.56
N PRO A 150 -3.08 11.00 -2.16
CA PRO A 150 -2.78 12.23 -1.38
C PRO A 150 -3.82 12.69 -0.36
N PRO A 151 -5.11 12.78 -0.71
CA PRO A 151 -6.07 13.27 0.31
C PRO A 151 -6.21 12.40 1.55
N TYR A 152 -5.70 11.17 1.52
CA TYR A 152 -5.81 10.29 2.65
C TYR A 152 -4.46 10.10 3.40
N GLN A 153 -3.39 10.76 2.97
CA GLN A 153 -2.10 10.62 3.54
C GLN A 153 -2.08 11.13 4.97
N ARG A 154 -1.09 10.65 5.71
CA ARG A 154 -0.80 11.17 7.08
C ARG A 154 -1.86 10.79 8.08
N ARG A 155 -2.51 9.65 7.87
CA ARG A 155 -3.50 9.12 8.76
C ARG A 155 -3.14 7.71 9.22
N GLY A 156 -2.02 7.20 8.77
CA GLY A 156 -1.59 5.86 9.16
C GLY A 156 -1.90 4.77 8.14
N TYR A 157 -2.49 5.11 6.99
CA TYR A 157 -2.81 4.09 5.99
C TYR A 157 -1.56 3.46 5.40
N GLY A 158 -0.51 4.24 5.18
CA GLY A 158 0.76 3.73 4.66
C GLY A 158 1.33 2.64 5.57
N LYS A 159 1.41 2.95 6.84
CA LYS A 159 1.93 1.98 7.77
C LYS A 159 1.01 0.78 7.93
N PHE A 160 -0.31 0.96 7.80
CA PHE A 160 -1.21 -0.19 7.72
C PHE A 160 -0.86 -1.06 6.53
N LEU A 161 -0.68 -0.48 5.34
CA LEU A 161 -0.37 -1.27 4.14
C LEU A 161 0.95 -2.02 4.30
N ILE A 162 1.95 -1.34 4.87
CA ILE A 162 3.27 -2.00 5.13
C ILE A 162 3.06 -3.17 6.07
N ALA A 163 2.37 -2.93 7.18
CA ALA A 163 2.07 -4.02 8.14
C ALA A 163 1.33 -5.17 7.49
N PHE A 164 0.37 -4.88 6.61
CA PHE A 164 -0.41 -5.89 5.98
C PHE A 164 0.51 -6.73 5.08
N SER A 165 1.44 -6.10 4.37
CA SER A 165 2.36 -6.84 3.50
C SER A 165 3.19 -7.84 4.30
N TYR A 166 3.57 -7.47 5.52
CA TYR A 166 4.33 -8.41 6.35
C TYR A 166 3.44 -9.49 6.96
N GLU A 167 2.18 -9.19 7.23
CA GLU A 167 1.27 -10.21 7.70
C GLU A 167 1.11 -11.31 6.66
N LEU A 168 1.09 -10.95 5.38
CA LEU A 168 1.05 -11.97 4.34
C LEU A 168 2.37 -12.75 4.31
N SER A 169 3.51 -12.07 4.38
CA SER A 169 4.82 -12.76 4.36
C SER A 169 4.90 -13.79 5.49
N LYS A 170 4.42 -13.42 6.66
CA LYS A 170 4.40 -14.36 7.82
C LYS A 170 3.59 -15.61 7.50
N LEU A 171 2.38 -15.42 7.01
CA LEU A 171 1.51 -16.55 6.61
C LEU A 171 2.10 -17.39 5.45
N GLU A 172 2.96 -16.81 4.64
CA GLU A 172 3.72 -17.52 3.60
C GLU A 172 5.00 -18.16 4.13
N SER A 173 5.25 -17.98 5.43
CA SER A 173 6.45 -18.51 6.07
C SER A 173 7.72 -18.03 5.37
N THR A 174 7.85 -16.73 5.19
CA THR A 174 8.95 -16.18 4.43
C THR A 174 9.28 -14.76 4.85
N VAL A 175 10.54 -14.37 4.70
CA VAL A 175 10.94 -12.99 4.91
C VAL A 175 10.67 -12.24 3.60
N GLY A 176 10.59 -10.93 3.69
CA GLY A 176 10.40 -10.11 2.50
C GLY A 176 10.87 -8.69 2.77
N SER A 177 11.10 -7.95 1.70
CA SER A 177 11.47 -6.55 1.81
C SER A 177 10.81 -5.81 0.66
N PRO A 178 10.54 -4.52 0.84
CA PRO A 178 10.02 -3.78 -0.31
C PRO A 178 11.04 -3.72 -1.41
N GLU A 179 10.57 -3.77 -2.65
CA GLU A 179 11.43 -3.55 -3.80
C GLU A 179 12.15 -2.22 -3.59
N LYS A 180 13.47 -2.23 -3.75
CA LYS A 180 14.25 -0.98 -3.64
C LYS A 180 14.51 -0.40 -5.06
N PRO A 181 14.84 0.91 -5.17
CA PRO A 181 15.03 1.89 -4.10
C PRO A 181 13.70 2.40 -3.54
N LEU A 182 13.71 2.82 -2.28
CA LEU A 182 12.55 3.42 -1.64
C LEU A 182 12.57 4.91 -1.88
N SER A 183 11.41 5.50 -2.16
CA SER A 183 11.28 6.94 -2.14
C SER A 183 11.54 7.45 -0.72
N ASP A 184 11.82 8.75 -0.58
CA ASP A 184 12.04 9.33 0.74
C ASP A 184 10.83 9.11 1.65
N LEU A 185 9.62 9.24 1.07
CA LEU A 185 8.39 9.01 1.84
C LEU A 185 8.27 7.50 2.22
N GLY A 186 8.65 6.63 1.29
CA GLY A 186 8.73 5.17 1.57
C GLY A 186 9.71 4.87 2.73
N LYS A 187 10.89 5.47 2.66
CA LYS A 187 11.89 5.30 3.75
C LYS A 187 11.36 5.69 5.14
N LEU A 188 10.75 6.87 5.23
CA LEU A 188 10.18 7.34 6.49
C LEU A 188 9.15 6.34 7.03
N SER A 189 8.32 5.83 6.14
CA SER A 189 7.23 4.94 6.52
C SER A 189 7.73 3.58 7.00
N TYR A 190 8.63 2.98 6.19
CA TYR A 190 9.24 1.70 6.57
C TYR A 190 10.04 1.79 7.88
N ARG A 191 10.86 2.82 8.02
CA ARG A 191 11.67 2.97 9.24
C ARG A 191 10.79 3.04 10.49
N SER A 192 9.64 3.73 10.37
CA SER A 192 8.72 3.89 11.48
C SER A 192 8.06 2.58 11.90
N TYR A 193 7.54 1.85 10.92
CA TYR A 193 6.97 0.55 11.11
C TYR A 193 8.01 -0.41 11.73
N TRP A 194 9.16 -0.50 11.06
CA TRP A 194 10.18 -1.45 11.47
C TRP A 194 10.61 -1.20 12.91
N SER A 195 10.87 0.05 13.20
CA SER A 195 11.25 0.48 14.57
C SER A 195 10.25 0.00 15.64
N TRP A 196 8.96 0.28 15.43
CA TRP A 196 7.92 -0.15 16.35
C TRP A 196 7.87 -1.66 16.55
N VAL A 197 7.83 -2.40 15.44
CA VAL A 197 7.76 -3.87 15.48
C VAL A 197 8.95 -4.46 16.24
N LEU A 198 10.13 -3.99 15.92
CA LEU A 198 11.35 -4.53 16.55
C LEU A 198 11.38 -4.22 18.05
N LEU A 199 11.02 -3.01 18.43
CA LEU A 199 11.00 -2.62 19.86
C LEU A 199 9.95 -3.35 20.67
N GLU A 200 8.77 -3.55 20.11
CA GLU A 200 7.75 -4.35 20.80
C GLU A 200 8.28 -5.77 21.03
N ASN A 201 9.02 -6.29 20.06
CA ASN A 201 9.58 -7.64 20.16
C ASN A 201 10.76 -7.74 21.14
N LEU A 202 11.43 -6.61 21.38
CA LEU A 202 12.53 -6.53 22.35
C LEU A 202 12.06 -6.09 23.75
N ARG A 203 10.74 -6.01 23.93
CA ARG A 203 10.12 -5.53 25.17
C ARG A 203 9.37 -6.66 25.84
N ILE A 211 19.13 -11.76 15.81
CA ILE A 211 18.58 -11.04 14.64
C ILE A 211 17.84 -11.98 13.69
N LYS A 212 18.42 -13.15 13.42
CA LYS A 212 17.70 -14.18 12.63
C LYS A 212 16.38 -14.61 13.31
N ASP A 213 16.36 -14.56 14.65
CA ASP A 213 15.16 -14.84 15.45
C ASP A 213 14.10 -13.76 15.22
N LEU A 214 14.52 -12.50 15.36
CA LEU A 214 13.63 -11.34 15.09
C LEU A 214 13.17 -11.38 13.64
N SER A 215 14.06 -11.77 12.73
CA SER A 215 13.71 -11.86 11.32
C SER A 215 12.65 -12.92 11.08
N GLN A 216 12.83 -14.08 11.70
CA GLN A 216 11.88 -15.18 11.56
C GLN A 216 10.52 -14.83 12.18
N MET A 217 10.53 -14.12 13.30
CA MET A 217 9.31 -13.76 14.01
C MET A 217 8.50 -12.67 13.29
N THR A 218 9.18 -11.79 12.55
CA THR A 218 8.56 -10.59 11.97
C THR A 218 8.44 -10.57 10.42
N SER A 219 9.11 -11.51 9.75
CA SER A 219 9.31 -11.53 8.30
C SER A 219 10.09 -10.31 7.75
N ILE A 220 10.67 -9.51 8.64
CA ILE A 220 11.55 -8.44 8.25
C ILE A 220 12.94 -9.06 8.00
N THR A 221 13.60 -8.67 6.91
CA THR A 221 14.88 -9.29 6.57
C THR A 221 15.92 -8.86 7.57
N GLN A 222 16.97 -9.66 7.73
CA GLN A 222 18.01 -9.29 8.65
C GLN A 222 18.66 -7.97 8.27
N ASN A 223 18.85 -7.71 6.96
CA ASN A 223 19.37 -6.43 6.52
C ASN A 223 18.52 -5.24 6.96
N ASP A 224 17.19 -5.34 6.83
CA ASP A 224 16.33 -4.24 7.26
C ASP A 224 16.26 -4.14 8.80
N ILE A 225 16.36 -5.28 9.52
CA ILE A 225 16.46 -5.25 10.98
C ILE A 225 17.78 -4.57 11.39
N ILE A 226 18.88 -4.95 10.74
CA ILE A 226 20.18 -4.37 11.07
C ILE A 226 20.21 -2.85 10.86
N SER A 227 19.72 -2.38 9.71
CA SER A 227 19.71 -0.95 9.44
C SER A 227 18.80 -0.19 10.42
N THR A 228 17.68 -0.79 10.80
CA THR A 228 16.78 -0.17 11.78
C THR A 228 17.40 -0.14 13.20
N LEU A 229 17.99 -1.25 13.65
CA LEU A 229 18.65 -1.29 14.98
C LEU A 229 19.87 -0.35 15.02
N GLN A 230 20.59 -0.23 13.89
CA GLN A 230 21.67 0.77 13.78
C GLN A 230 21.16 2.19 14.09
N SER A 231 19.99 2.54 13.54
CA SER A 231 19.41 3.87 13.78
C SER A 231 18.97 4.07 15.23
N LEU A 232 18.66 2.96 15.90
CA LEU A 232 18.29 2.97 17.32
C LEU A 232 19.52 2.78 18.24
N ASN A 233 20.72 2.63 17.63
CA ASN A 233 21.96 2.30 18.36
C ASN A 233 21.78 1.10 19.27
N MET A 234 21.20 0.04 18.72
CA MET A 234 20.94 -1.19 19.46
C MET A 234 21.60 -2.39 18.83
N VAL A 235 22.69 -2.17 18.12
CA VAL A 235 23.42 -3.27 17.48
C VAL A 235 24.93 -2.99 17.40
N LYS A 236 25.73 -4.04 17.57
CA LYS A 236 27.19 -4.00 17.37
C LYS A 236 27.56 -5.11 16.39
N TYR A 237 28.67 -4.94 15.66
CA TYR A 237 29.15 -5.94 14.72
C TYR A 237 30.48 -6.56 15.17
N HIS A 242 26.20 -9.45 13.45
CA HIS A 242 25.63 -8.31 14.17
C HIS A 242 24.91 -8.79 15.44
N VAL A 243 25.08 -8.03 16.52
CA VAL A 243 24.60 -8.42 17.86
C VAL A 243 23.76 -7.29 18.45
N ILE A 244 22.54 -7.63 18.87
CA ILE A 244 21.61 -6.65 19.45
C ILE A 244 22.09 -6.23 20.83
N CYS A 245 22.09 -4.93 21.11
CA CYS A 245 22.61 -4.42 22.38
C CYS A 245 21.74 -3.32 22.98
N VAL A 246 20.86 -3.74 23.89
CA VAL A 246 19.88 -2.87 24.50
C VAL A 246 19.41 -3.50 25.82
N THR A 247 18.94 -2.66 26.75
CA THR A 247 18.32 -3.17 27.97
C THR A 247 16.80 -3.10 27.83
N PRO A 248 16.08 -3.91 28.62
CA PRO A 248 14.62 -3.77 28.70
C PRO A 248 14.18 -2.32 28.99
N LYS A 249 14.90 -1.63 29.88
CA LYS A 249 14.57 -0.24 30.26
C LYS A 249 14.74 0.74 29.09
N LEU A 250 15.80 0.54 28.29
CA LEU A 250 16.04 1.35 27.10
C LEU A 250 14.93 1.12 26.06
N VAL A 251 14.51 -0.13 25.90
CA VAL A 251 13.44 -0.45 24.96
C VAL A 251 12.12 0.21 25.42
N GLU A 252 11.83 0.12 26.72
CA GLU A 252 10.61 0.72 27.28
C GLU A 252 10.60 2.23 27.12
N GLU A 253 11.75 2.87 27.35
CA GLU A 253 11.89 4.33 27.18
C GLU A 253 11.56 4.77 25.73
N HIS A 254 12.08 4.03 24.75
CA HIS A 254 11.79 4.31 23.33
C HIS A 254 10.30 4.12 23.02
N LEU A 255 9.72 3.04 23.52
CA LEU A 255 8.29 2.78 23.26
C LEU A 255 7.38 3.79 23.98
N LYS A 256 7.89 4.40 25.05
CA LYS A 256 7.19 5.51 25.73
C LYS A 256 7.24 6.81 24.92
N SER A 257 8.24 6.94 24.06
CA SER A 257 8.52 8.22 23.39
C SER A 257 7.56 8.51 22.23
N ALA A 258 7.47 9.79 21.87
CA ALA A 258 6.70 10.20 20.70
C ALA A 258 7.39 9.84 19.37
N GLN A 259 8.66 9.42 19.43
CA GLN A 259 9.42 9.07 18.20
C GLN A 259 9.18 7.65 17.71
N TYR A 260 8.65 6.77 18.59
CA TYR A 260 8.43 5.37 18.23
C TYR A 260 7.07 4.88 18.70
N LYS A 261 6.06 5.68 18.36
CA LYS A 261 4.70 5.37 18.71
C LYS A 261 4.17 4.21 17.86
N LYS A 262 3.20 3.52 18.42
CA LYS A 262 2.41 2.54 17.70
C LYS A 262 1.73 3.22 16.48
N PRO A 263 1.64 2.49 15.36
CA PRO A 263 0.83 2.95 14.22
C PRO A 263 -0.62 3.19 14.66
N PRO A 264 -1.23 4.29 14.17
CA PRO A 264 -2.59 4.56 14.56
C PRO A 264 -3.60 3.51 14.06
N ILE A 265 -3.26 2.82 12.97
CA ILE A 265 -4.09 1.76 12.41
C ILE A 265 -3.22 0.50 12.30
N THR A 266 -3.59 -0.54 13.02
CA THR A 266 -2.80 -1.75 12.99
C THR A 266 -3.61 -2.91 12.39
N VAL A 267 -2.88 -3.91 11.92
CA VAL A 267 -3.51 -5.10 11.35
C VAL A 267 -3.87 -6.07 12.46
N ASP A 268 -5.15 -6.44 12.52
CA ASP A 268 -5.64 -7.46 13.47
C ASP A 268 -5.77 -8.82 12.79
N SER A 269 -4.92 -9.78 13.18
CA SER A 269 -4.90 -11.14 12.60
C SER A 269 -6.24 -11.84 12.66
N VAL A 270 -7.08 -11.54 13.65
CA VAL A 270 -8.39 -12.18 13.82
CA VAL A 270 -8.40 -12.21 13.79
C VAL A 270 -9.49 -11.48 12.98
N CYS A 271 -9.07 -10.59 12.09
CA CYS A 271 -10.00 -9.96 11.14
C CYS A 271 -9.61 -10.26 9.67
N LEU A 272 -8.63 -11.14 9.50
CA LEU A 272 -8.05 -11.51 8.19
C LEU A 272 -8.51 -12.92 7.76
N LYS A 273 -8.87 -13.07 6.48
CA LYS A 273 -9.18 -14.39 5.88
C LYS A 273 -8.16 -14.60 4.76
N TRP A 274 -7.06 -15.28 5.04
CA TRP A 274 -6.04 -15.49 4.03
C TRP A 274 -5.10 -16.67 4.26
N ALA A 275 -4.92 -17.47 3.20
CA ALA A 275 -3.89 -18.50 3.15
C ALA A 275 -3.11 -18.38 1.84
N PRO A 276 -1.80 -18.74 1.86
CA PRO A 276 -0.96 -18.69 0.63
C PRO A 276 -1.53 -19.43 -0.58
ZN ZN B . -17.38 2.61 -12.72
N1A COA C . 6.60 14.48 5.36
C2A COA C . 7.18 14.01 6.47
N3A COA C . 6.83 12.86 7.02
C4A COA C . 5.89 12.12 6.36
C5A COA C . 5.27 12.58 5.20
C6A COA C . 5.66 13.81 4.69
N6A COA C . 5.11 14.30 3.59
N7A COA C . 4.39 11.66 4.80
C8A COA C . 4.43 10.66 5.68
N9A COA C . 5.33 10.94 6.64
C1B COA C . 5.67 10.09 7.78
C2B COA C . 4.55 10.16 8.78
O2B COA C . 4.66 11.33 9.67
C3B COA C . 4.76 8.87 9.51
O3B COA C . 5.84 9.03 10.45
P3B COA C . 5.61 8.48 11.90
O7A COA C . 7.06 8.67 12.61
O8A COA C . 5.32 6.90 11.62
O9A COA C . 4.49 9.08 12.62
C4B COA C . 5.21 7.90 8.40
O4B COA C . 5.62 8.74 7.29
C5B COA C . 4.04 7.00 7.91
O5B COA C . 2.83 7.79 7.77
P1A COA C . 1.45 7.13 7.28
O1A COA C . 1.36 5.75 7.82
O2A COA C . 0.34 8.07 7.56
O3A COA C . 1.71 7.00 5.70
P2A COA C . 0.85 7.63 4.46
O4A COA C . -0.52 7.08 4.50
O5A COA C . 1.04 9.10 4.46
O6A COA C . 1.60 6.94 3.31
CBP COA C . 3.30 6.69 1.66
CCP COA C . 2.99 6.94 3.14
CDP COA C . 2.57 5.40 1.19
CEP COA C . 4.83 6.52 1.47
CAP COA C . 2.84 7.93 0.88
OAP COA C . 3.69 9.08 1.23
C9P COA C . 2.77 7.79 -0.62
O9P COA C . 1.87 7.14 -1.15
N8P COA C . 3.69 8.44 -1.33
C7P COA C . 3.71 8.41 -2.81
C6P COA C . 4.08 7.04 -3.36
C5P COA C . 5.38 6.55 -2.72
O5P COA C . 6.38 7.27 -2.64
N4P COA C . 5.29 5.33 -2.21
C3P COA C . 6.41 4.69 -1.54
C2P COA C . 7.37 4.31 -2.61
S1P COA C . 8.62 3.04 -2.13
UNK UNX D . 6.96 2.20 -3.21
UNK UNX E . -11.65 7.38 -2.26
UNK UNX F . -12.39 0.61 -17.56
UNK UNX G . 9.87 -5.64 -12.24
UNK UNX H . -18.48 17.69 -20.08
UNK UNX I . -19.88 -3.93 -5.99
UNK UNX J . -8.30 -12.14 -6.22
UNK UNX K . 2.17 -4.03 -11.08
UNK UNX L . -10.49 17.99 -3.49
UNK UNX M . -3.74 17.83 -4.63
UNK UNX N . -14.80 -9.46 -8.68
UNK UNX O . -16.29 8.56 -8.67
UNK UNX P . 16.72 -12.46 5.84
#